data_1Z5O
#
_entry.id   1Z5O
#
_cell.length_a   51.660
_cell.length_b   70.220
_cell.length_c   128.070
_cell.angle_alpha   90.00
_cell.angle_beta   90.00
_cell.angle_gamma   90.00
#
_symmetry.space_group_name_H-M   'P 21 21 21'
#
loop_
_entity.id
_entity.type
_entity.pdbx_description
1 polymer 'MTA/SAH nucleosidase'
2 non-polymer "5'-DEOXY-5'-METHYLTHIOADENOSINE"
3 water water
#
_entity_poly.entity_id   1
_entity_poly.type   'polypeptide(L)'
_entity_poly.pdbx_seq_one_letter_code
;FQGAMDPEFSMKIGIIGAMEEEVTLLRDKIENRQTISLGGCEIYTGQLNGTEVALLKSGIGKVAAALGATLLLEHCKPDV
IINTGSAGGLAPTLKVGDIVVSDEARYHDADVTAFGYEYGQLPGCPAGFKADDKLIAAAEACIAELNLNAVRGLIVSGDA
FINGSVGLAKIRHNFPQAIAVEMEATAIAHVCHNFNVPFVVVRAISNVADQQSHLSFDEFLAVAAKQSSLMVESLVQKLA
HG
;
_entity_poly.pdbx_strand_id   A,B
#
loop_
_chem_comp.id
_chem_comp.type
_chem_comp.name
_chem_comp.formula
MTA non-polymer 5'-DEOXY-5'-METHYLTHIOADENOSINE 'C11 H15 N5 O3 S'
#
# COMPACT_ATOMS: atom_id res chain seq x y z
N GLU A 8 14.52 -23.09 19.74
CA GLU A 8 14.71 -23.40 18.29
C GLU A 8 15.92 -22.63 17.78
N PHE A 9 16.78 -23.33 17.06
CA PHE A 9 17.99 -22.72 16.54
C PHE A 9 17.96 -22.56 15.04
N SER A 10 16.77 -22.60 14.47
CA SER A 10 16.65 -22.45 13.02
C SER A 10 15.66 -21.35 12.63
N MET A 11 15.02 -20.71 13.59
CA MET A 11 14.05 -19.66 13.25
C MET A 11 14.67 -18.29 12.91
N LYS A 12 13.95 -17.53 12.09
CA LYS A 12 14.39 -16.19 11.72
C LYS A 12 13.21 -15.25 11.97
N ILE A 13 13.39 -14.31 12.89
CA ILE A 13 12.33 -13.38 13.22
C ILE A 13 12.44 -12.09 12.41
N GLY A 14 11.37 -11.76 11.71
CA GLY A 14 11.33 -10.55 10.91
C GLY A 14 10.79 -9.39 11.73
N ILE A 15 11.41 -8.22 11.59
CA ILE A 15 11.00 -7.03 12.33
C ILE A 15 10.92 -5.85 11.37
N ILE A 16 9.81 -5.12 11.42
CA ILE A 16 9.64 -3.97 10.54
C ILE A 16 9.34 -2.68 11.28
N GLY A 17 10.13 -1.65 10.98
CA GLY A 17 9.95 -0.34 11.58
C GLY A 17 9.98 0.60 10.39
N ALA A 18 9.21 1.70 10.44
CA ALA A 18 9.18 2.63 9.31
C ALA A 18 10.27 3.69 9.28
N MET A 19 10.62 4.21 10.45
CA MET A 19 11.59 5.28 10.58
C MET A 19 12.92 4.89 11.20
N GLU A 20 13.98 5.62 10.87
CA GLU A 20 15.30 5.33 11.42
C GLU A 20 15.26 5.39 12.96
N GLU A 21 14.62 6.43 13.50
CA GLU A 21 14.50 6.57 14.94
C GLU A 21 13.86 5.32 15.56
N GLU A 22 12.99 4.63 14.81
CA GLU A 22 12.32 3.44 15.33
C GLU A 22 13.10 2.12 15.20
N VAL A 23 14.10 2.09 14.31
CA VAL A 23 14.83 0.84 14.14
C VAL A 23 16.26 0.94 14.57
N THR A 24 16.72 2.15 14.84
CA THR A 24 18.12 2.31 15.18
C THR A 24 18.58 1.62 16.46
N LEU A 25 17.76 1.63 17.50
CA LEU A 25 18.15 0.97 18.75
C LEU A 25 18.37 -0.52 18.50
N LEU A 26 17.43 -1.13 17.80
CA LEU A 26 17.51 -2.56 17.47
C LEU A 26 18.68 -2.86 16.54
N ARG A 27 18.86 -2.01 15.53
CA ARG A 27 19.94 -2.19 14.58
C ARG A 27 21.29 -2.21 15.31
N ASP A 28 21.44 -1.33 16.30
CA ASP A 28 22.68 -1.26 17.07
C ASP A 28 23.00 -2.53 17.87
N LYS A 29 21.97 -3.29 18.25
CA LYS A 29 22.19 -4.51 19.02
C LYS A 29 22.41 -5.76 18.16
N ILE A 30 22.24 -5.65 16.85
CA ILE A 30 22.43 -6.82 16.01
C ILE A 30 23.88 -7.30 15.91
N GLU A 31 24.10 -8.57 16.24
CA GLU A 31 25.43 -9.20 16.19
C GLU A 31 25.67 -9.67 14.75
N ASN A 32 26.90 -9.53 14.27
CA ASN A 32 27.26 -9.94 12.90
C ASN A 32 26.29 -9.32 11.90
N ARG A 33 26.08 -8.01 12.02
CA ARG A 33 25.15 -7.31 11.15
C ARG A 33 25.66 -7.04 9.75
N GLN A 34 24.76 -7.12 8.78
CA GLN A 34 25.07 -6.78 7.40
C GLN A 34 23.84 -6.02 6.91
N THR A 35 23.95 -5.33 5.78
CA THR A 35 22.82 -4.57 5.30
C THR A 35 22.48 -4.86 3.85
N ILE A 36 21.20 -5.18 3.60
CA ILE A 36 20.71 -5.43 2.25
C ILE A 36 20.01 -4.12 1.85
N SER A 37 20.35 -3.60 0.69
CA SER A 37 19.76 -2.35 0.18
C SER A 37 18.96 -2.73 -1.05
N LEU A 38 17.64 -2.67 -0.96
CA LEU A 38 16.83 -3.09 -2.10
C LEU A 38 15.59 -2.23 -2.26
N GLY A 39 15.30 -1.83 -3.49
CA GLY A 39 14.14 -1.02 -3.78
C GLY A 39 13.84 0.13 -2.83
N GLY A 40 14.87 0.86 -2.42
CA GLY A 40 14.66 1.98 -1.52
C GLY A 40 14.54 1.65 -0.03
N CYS A 41 14.64 0.37 0.31
CA CYS A 41 14.54 -0.07 1.71
C CYS A 41 15.88 -0.60 2.17
N GLU A 42 16.02 -0.78 3.47
CA GLU A 42 17.24 -1.35 4.05
C GLU A 42 16.83 -2.50 4.96
N ILE A 43 17.56 -3.61 4.88
CA ILE A 43 17.27 -4.76 5.75
C ILE A 43 18.58 -5.13 6.44
N TYR A 44 18.56 -5.22 7.77
CA TYR A 44 19.76 -5.59 8.50
C TYR A 44 19.62 -7.02 8.97
N THR A 45 20.60 -7.82 8.60
CA THR A 45 20.61 -9.22 8.97
C THR A 45 21.63 -9.44 10.08
N GLY A 46 21.50 -10.54 10.79
CA GLY A 46 22.39 -10.86 11.89
C GLY A 46 21.59 -11.48 13.01
N GLN A 47 22.07 -11.39 14.25
CA GLN A 47 21.34 -11.96 15.36
C GLN A 47 21.18 -11.00 16.53
N LEU A 48 20.11 -11.21 17.28
CA LEU A 48 19.81 -10.43 18.48
C LEU A 48 20.03 -11.48 19.58
N ASN A 49 21.08 -11.33 20.36
CA ASN A 49 21.44 -12.30 21.39
C ASN A 49 21.35 -13.73 20.88
N GLY A 50 21.90 -13.98 19.70
CA GLY A 50 21.87 -15.33 19.18
C GLY A 50 20.69 -15.71 18.32
N THR A 51 19.61 -14.93 18.32
CA THR A 51 18.48 -15.29 17.48
C THR A 51 18.54 -14.56 16.15
N GLU A 52 18.56 -15.33 15.06
CA GLU A 52 18.64 -14.72 13.73
C GLU A 52 17.46 -13.78 13.49
N VAL A 53 17.76 -12.58 13.01
CA VAL A 53 16.70 -11.62 12.71
C VAL A 53 16.94 -10.92 11.38
N ALA A 54 15.87 -10.38 10.81
CA ALA A 54 15.94 -9.60 9.59
C ALA A 54 15.11 -8.37 9.91
N LEU A 55 15.79 -7.25 10.16
CA LEU A 55 15.18 -5.97 10.51
C LEU A 55 15.05 -5.04 9.30
N LEU A 56 13.82 -4.74 8.90
CA LEU A 56 13.56 -3.89 7.76
C LEU A 56 13.14 -2.45 8.14
N LYS A 57 13.75 -1.47 7.49
CA LYS A 57 13.36 -0.06 7.67
C LYS A 57 12.58 0.14 6.37
N SER A 58 11.26 0.16 6.50
CA SER A 58 10.31 0.24 5.38
C SER A 58 9.96 1.60 4.79
N GLY A 59 10.06 2.63 5.60
CA GLY A 59 9.67 3.94 5.12
C GLY A 59 8.25 4.11 5.63
N ILE A 60 7.69 5.29 5.46
CA ILE A 60 6.36 5.61 5.97
C ILE A 60 5.19 5.41 5.02
N GLY A 61 4.05 5.00 5.57
CA GLY A 61 2.91 4.82 4.69
C GLY A 61 2.62 3.39 4.30
N LYS A 62 1.41 3.17 3.80
CA LYS A 62 0.90 1.86 3.41
C LYS A 62 1.67 1.17 2.28
N VAL A 63 1.92 1.91 1.22
CA VAL A 63 2.64 1.36 0.08
C VAL A 63 4.08 1.03 0.44
N ALA A 64 4.76 1.97 1.10
CA ALA A 64 6.15 1.76 1.48
C ALA A 64 6.28 0.49 2.32
N ALA A 65 5.41 0.35 3.31
CA ALA A 65 5.42 -0.82 4.19
C ALA A 65 5.10 -2.10 3.40
N ALA A 66 4.16 -2.03 2.47
CA ALA A 66 3.79 -3.21 1.67
C ALA A 66 4.96 -3.65 0.81
N LEU A 67 5.55 -2.69 0.14
CA LEU A 67 6.69 -2.94 -0.74
C LEU A 67 7.83 -3.53 0.11
N GLY A 68 8.11 -2.92 1.25
CA GLY A 68 9.15 -3.43 2.11
C GLY A 68 8.82 -4.81 2.64
N ALA A 69 7.61 -4.98 3.16
CA ALA A 69 7.20 -6.27 3.69
C ALA A 69 7.32 -7.37 2.63
N THR A 70 6.93 -7.06 1.40
CA THR A 70 7.02 -8.04 0.32
C THR A 70 8.49 -8.44 0.07
N LEU A 71 9.38 -7.45 -0.02
CA LEU A 71 10.80 -7.71 -0.25
C LEU A 71 11.39 -8.54 0.89
N LEU A 72 11.07 -8.18 2.13
CA LEU A 72 11.57 -8.91 3.29
C LEU A 72 11.16 -10.40 3.21
N LEU A 73 9.89 -10.66 2.92
CA LEU A 73 9.41 -12.03 2.82
C LEU A 73 10.05 -12.76 1.67
N GLU A 74 10.19 -12.10 0.53
CA GLU A 74 10.78 -12.71 -0.65
C GLU A 74 12.27 -12.99 -0.52
N HIS A 75 13.03 -12.01 -0.04
CA HIS A 75 14.47 -12.19 0.06
C HIS A 75 14.96 -12.82 1.35
N CYS A 76 14.20 -12.69 2.43
CA CYS A 76 14.63 -13.23 3.73
C CYS A 76 13.80 -14.37 4.33
N LYS A 77 12.58 -14.53 3.83
CA LYS A 77 11.67 -15.58 4.30
C LYS A 77 11.63 -15.78 5.83
N PRO A 78 11.32 -14.72 6.61
CA PRO A 78 11.28 -14.85 8.07
C PRO A 78 10.05 -15.69 8.46
N ASP A 79 10.14 -16.44 9.54
CA ASP A 79 9.01 -17.27 9.97
C ASP A 79 7.83 -16.47 10.54
N VAL A 80 8.13 -15.34 11.16
CA VAL A 80 7.08 -14.51 11.73
C VAL A 80 7.50 -13.07 11.53
N ILE A 81 6.54 -12.16 11.65
CA ILE A 81 6.86 -10.75 11.51
C ILE A 81 6.31 -9.96 12.68
N ILE A 82 7.14 -9.05 13.17
CA ILE A 82 6.79 -8.17 14.28
C ILE A 82 6.94 -6.75 13.73
N ASN A 83 5.88 -5.96 13.83
CA ASN A 83 5.89 -4.57 13.36
C ASN A 83 6.06 -3.71 14.60
N THR A 84 7.04 -2.82 14.62
CA THR A 84 7.26 -1.97 15.77
C THR A 84 7.31 -0.49 15.40
N GLY A 85 7.43 0.36 16.41
CA GLY A 85 7.45 1.80 16.16
C GLY A 85 6.44 2.50 17.06
N SER A 86 6.11 3.77 16.77
CA SER A 86 5.14 4.47 17.60
C SER A 86 3.76 4.55 16.98
N ALA A 87 2.79 4.93 17.79
CA ALA A 87 1.41 5.03 17.34
C ALA A 87 0.70 6.10 18.14
N GLY A 88 -0.48 6.46 17.67
CA GLY A 88 -1.27 7.44 18.38
C GLY A 88 -2.24 6.64 19.23
N GLY A 89 -2.25 6.89 20.53
CA GLY A 89 -3.12 6.18 21.44
C GLY A 89 -4.57 6.63 21.35
N LEU A 90 -5.49 5.68 21.33
CA LEU A 90 -6.92 6.00 21.25
C LEU A 90 -7.63 5.48 22.51
N ALA A 91 -7.15 4.37 23.07
CA ALA A 91 -7.74 3.80 24.28
C ALA A 91 -7.49 4.81 25.42
N PRO A 92 -8.53 5.12 26.21
CA PRO A 92 -8.49 6.07 27.34
C PRO A 92 -7.41 5.92 28.42
N THR A 93 -7.03 4.69 28.73
CA THR A 93 -6.00 4.45 29.74
C THR A 93 -4.57 4.55 29.23
N LEU A 94 -4.39 4.70 27.92
CA LEU A 94 -3.05 4.77 27.35
C LEU A 94 -2.31 6.09 27.57
N LYS A 95 -1.04 6.01 27.97
CA LYS A 95 -0.22 7.22 28.14
C LYS A 95 1.03 7.06 27.29
N VAL A 96 1.70 8.18 26.96
CA VAL A 96 2.91 8.10 26.13
C VAL A 96 3.85 7.08 26.76
N GLY A 97 4.45 6.24 25.93
CA GLY A 97 5.36 5.23 26.44
C GLY A 97 4.71 3.87 26.55
N ASP A 98 3.41 3.83 26.81
CA ASP A 98 2.71 2.55 26.95
C ASP A 98 2.71 1.72 25.67
N ILE A 99 2.58 0.42 25.85
CA ILE A 99 2.59 -0.53 24.75
C ILE A 99 1.21 -0.89 24.22
N VAL A 100 1.09 -1.04 22.90
CA VAL A 100 -0.17 -1.50 22.33
C VAL A 100 0.15 -2.75 21.51
N VAL A 101 -0.63 -3.81 21.73
CA VAL A 101 -0.44 -5.06 21.00
C VAL A 101 -1.67 -5.30 20.14
N SER A 102 -1.45 -5.60 18.87
CA SER A 102 -2.56 -5.81 17.97
C SER A 102 -3.25 -7.17 18.11
N ASP A 103 -4.57 -7.14 18.19
CA ASP A 103 -5.34 -8.38 18.22
C ASP A 103 -5.63 -8.61 16.74
N GLU A 104 -5.67 -7.48 16.01
CA GLU A 104 -5.95 -7.45 14.58
C GLU A 104 -5.70 -6.04 14.07
N ALA A 105 -5.74 -5.91 12.74
CA ALA A 105 -5.50 -4.64 12.07
C ALA A 105 -6.50 -4.40 10.95
N ARG A 106 -7.00 -3.17 10.86
CA ARG A 106 -7.94 -2.80 9.81
C ARG A 106 -7.58 -1.43 9.28
N TYR A 107 -7.90 -1.18 8.00
CA TYR A 107 -7.64 0.12 7.37
C TYR A 107 -8.74 1.07 7.81
N HIS A 108 -8.39 2.22 8.35
CA HIS A 108 -9.44 3.16 8.74
C HIS A 108 -9.80 4.08 7.57
N ASP A 109 -9.06 4.00 6.48
CA ASP A 109 -9.35 4.86 5.35
C ASP A 109 -9.74 4.10 4.08
N ALA A 110 -10.05 2.81 4.21
CA ALA A 110 -10.47 2.05 3.03
C ALA A 110 -12.00 2.09 3.02
N ASP A 111 -12.58 2.39 1.87
CA ASP A 111 -14.03 2.50 1.81
C ASP A 111 -14.63 2.10 0.48
N VAL A 112 -15.08 0.85 0.41
CA VAL A 112 -15.74 0.33 -0.77
C VAL A 112 -17.13 -0.13 -0.29
N THR A 113 -17.65 0.55 0.72
CA THR A 113 -18.98 0.22 1.26
C THR A 113 -20.05 0.39 0.19
N ALA A 114 -19.77 1.23 -0.79
CA ALA A 114 -20.71 1.45 -1.90
C ALA A 114 -21.01 0.14 -2.62
N PHE A 115 -20.09 -0.81 -2.56
CA PHE A 115 -20.32 -2.10 -3.21
C PHE A 115 -20.68 -3.21 -2.23
N GLY A 116 -20.95 -2.86 -0.96
CA GLY A 116 -21.34 -3.87 0.02
C GLY A 116 -20.29 -4.46 0.94
N TYR A 117 -19.08 -3.92 0.87
CA TYR A 117 -18.02 -4.39 1.75
C TYR A 117 -18.20 -3.62 3.04
N GLU A 118 -17.71 -4.17 4.15
CA GLU A 118 -17.87 -3.44 5.39
C GLU A 118 -16.79 -2.40 5.41
N TYR A 119 -17.07 -1.29 6.09
CA TYR A 119 -16.14 -0.18 6.14
C TYR A 119 -14.74 -0.64 6.54
N GLY A 120 -13.74 -0.17 5.80
CA GLY A 120 -12.37 -0.52 6.08
C GLY A 120 -11.85 -1.75 5.35
N GLN A 121 -12.76 -2.51 4.78
CA GLN A 121 -12.43 -3.72 4.04
C GLN A 121 -12.17 -3.47 2.56
N LEU A 122 -11.18 -4.14 1.98
CA LEU A 122 -10.90 -4.01 0.54
C LEU A 122 -11.39 -5.29 -0.13
N PRO A 123 -11.88 -5.20 -1.38
CA PRO A 123 -12.37 -6.39 -2.08
C PRO A 123 -11.26 -7.45 -2.14
N GLY A 124 -11.62 -8.71 -1.83
CA GLY A 124 -10.63 -9.76 -1.86
C GLY A 124 -9.87 -9.94 -0.54
N CYS A 125 -10.17 -9.08 0.43
CA CYS A 125 -9.51 -9.18 1.73
C CYS A 125 -10.53 -9.41 2.83
N PRO A 126 -10.09 -10.00 3.95
CA PRO A 126 -11.04 -10.20 5.05
C PRO A 126 -11.25 -8.75 5.53
N ALA A 127 -12.29 -8.46 6.30
CA ALA A 127 -12.55 -7.09 6.75
C ALA A 127 -11.42 -6.56 7.66
N GLY A 128 -10.75 -7.49 8.33
CA GLY A 128 -9.64 -7.17 9.23
C GLY A 128 -8.63 -8.32 9.17
N PHE A 129 -7.40 -8.08 9.59
CA PHE A 129 -6.38 -9.11 9.55
C PHE A 129 -6.00 -9.50 10.98
N LYS A 130 -6.14 -10.78 11.31
CA LYS A 130 -5.84 -11.22 12.66
C LYS A 130 -4.38 -11.52 12.96
N ALA A 131 -3.89 -10.96 14.06
CA ALA A 131 -2.52 -11.16 14.51
C ALA A 131 -2.45 -12.60 15.04
N ASP A 132 -1.26 -13.17 15.05
CA ASP A 132 -1.11 -14.55 15.51
C ASP A 132 -1.30 -14.73 17.02
N ASP A 133 -2.11 -15.70 17.42
CA ASP A 133 -2.38 -15.95 18.85
C ASP A 133 -1.14 -16.21 19.70
N LYS A 134 -0.22 -17.01 19.19
CA LYS A 134 1.00 -17.29 19.95
C LYS A 134 1.87 -16.04 20.10
N LEU A 135 1.99 -15.26 19.04
CA LEU A 135 2.83 -14.07 19.09
C LEU A 135 2.26 -13.10 20.12
N ILE A 136 0.93 -13.00 20.14
CA ILE A 136 0.23 -12.13 21.07
C ILE A 136 0.44 -12.62 22.50
N ALA A 137 0.30 -13.92 22.72
CA ALA A 137 0.48 -14.46 24.06
C ALA A 137 1.91 -14.19 24.53
N ALA A 138 2.85 -14.33 23.60
CA ALA A 138 4.26 -14.10 23.91
C ALA A 138 4.47 -12.63 24.24
N ALA A 139 3.86 -11.75 23.45
CA ALA A 139 4.01 -10.32 23.71
C ALA A 139 3.45 -9.96 25.09
N GLU A 140 2.33 -10.57 25.48
CA GLU A 140 1.70 -10.29 26.78
C GLU A 140 2.57 -10.77 27.93
N ALA A 141 3.27 -11.88 27.72
CA ALA A 141 4.14 -12.41 28.75
C ALA A 141 5.26 -11.41 28.99
N CYS A 142 5.81 -10.87 27.90
CA CYS A 142 6.88 -9.90 28.00
C CYS A 142 6.41 -8.65 28.73
N ILE A 143 5.20 -8.22 28.40
CA ILE A 143 4.62 -7.04 29.02
C ILE A 143 4.53 -7.22 30.54
N ALA A 144 4.12 -8.42 30.96
CA ALA A 144 4.00 -8.71 32.39
C ALA A 144 5.39 -8.81 33.05
N GLU A 145 6.30 -9.53 32.41
CA GLU A 145 7.63 -9.69 32.96
C GLU A 145 8.35 -8.33 33.05
N LEU A 146 8.01 -7.41 32.15
CA LEU A 146 8.65 -6.08 32.18
C LEU A 146 7.84 -5.07 32.98
N ASN A 147 6.67 -5.48 33.50
CA ASN A 147 5.79 -4.62 34.29
C ASN A 147 5.44 -3.31 33.57
N LEU A 148 5.02 -3.44 32.33
CA LEU A 148 4.66 -2.29 31.51
C LEU A 148 3.15 -2.16 31.42
N ASN A 149 2.67 -0.95 31.16
CA ASN A 149 1.23 -0.78 30.99
C ASN A 149 1.01 -0.97 29.51
N ALA A 150 -0.04 -1.71 29.15
CA ALA A 150 -0.31 -1.96 27.75
C ALA A 150 -1.79 -2.15 27.54
N VAL A 151 -2.19 -2.22 26.27
CA VAL A 151 -3.57 -2.47 25.87
C VAL A 151 -3.49 -3.29 24.60
N ARG A 152 -4.36 -4.30 24.52
CA ARG A 152 -4.41 -5.19 23.38
C ARG A 152 -5.73 -4.97 22.69
N GLY A 153 -5.73 -5.02 21.37
CA GLY A 153 -6.96 -4.80 20.66
C GLY A 153 -6.69 -4.41 19.22
N LEU A 154 -7.67 -3.73 18.63
CA LEU A 154 -7.62 -3.32 17.24
C LEU A 154 -6.76 -2.12 16.96
N ILE A 155 -5.84 -2.26 16.02
CA ILE A 155 -5.00 -1.15 15.60
C ILE A 155 -5.42 -0.87 14.16
N VAL A 156 -5.61 0.41 13.84
CA VAL A 156 -6.03 0.81 12.51
C VAL A 156 -5.01 1.68 11.80
N SER A 157 -4.86 1.46 10.49
CA SER A 157 -3.89 2.21 9.72
C SER A 157 -4.51 3.02 8.58
N GLY A 158 -3.80 4.07 8.18
CA GLY A 158 -4.24 4.92 7.10
C GLY A 158 -3.02 5.68 6.61
N ASP A 159 -3.18 6.50 5.58
CA ASP A 159 -2.06 7.26 5.07
C ASP A 159 -2.07 8.72 5.53
N ALA A 160 -2.70 8.99 6.67
CA ALA A 160 -2.75 10.36 7.19
C ALA A 160 -2.34 10.39 8.66
N PHE A 161 -1.65 11.45 9.04
CA PHE A 161 -1.21 11.61 10.41
C PHE A 161 -2.42 12.16 11.15
N ILE A 162 -2.94 11.45 12.14
CA ILE A 162 -4.11 11.92 12.86
C ILE A 162 -3.73 12.97 13.88
N ASN A 163 -4.40 14.11 13.78
CA ASN A 163 -4.10 15.27 14.62
C ASN A 163 -5.41 15.94 15.07
N GLY A 164 -6.30 15.18 15.68
CA GLY A 164 -7.55 15.73 16.14
C GLY A 164 -8.53 16.06 15.02
N SER A 165 -9.42 17.02 15.28
CA SER A 165 -10.42 17.46 14.31
C SER A 165 -11.25 16.29 13.73
N VAL A 166 -11.70 16.44 12.48
CA VAL A 166 -12.52 15.42 11.83
C VAL A 166 -11.74 14.12 11.62
N GLY A 167 -10.44 14.24 11.34
CA GLY A 167 -9.62 13.06 11.12
C GLY A 167 -9.76 12.08 12.27
N LEU A 168 -9.62 12.57 13.50
CA LEU A 168 -9.74 11.73 14.68
C LEU A 168 -11.18 11.27 14.94
N ALA A 169 -12.13 12.20 14.89
CA ALA A 169 -13.53 11.85 15.17
C ALA A 169 -14.10 10.81 14.22
N LYS A 170 -13.77 10.92 12.94
CA LYS A 170 -14.26 9.97 11.96
C LYS A 170 -13.74 8.59 12.36
N ILE A 171 -12.48 8.50 12.75
CA ILE A 171 -11.90 7.22 13.16
C ILE A 171 -12.59 6.63 14.40
N ARG A 172 -12.77 7.44 15.44
CA ARG A 172 -13.42 6.96 16.65
C ARG A 172 -14.83 6.50 16.35
N HIS A 173 -15.49 7.16 15.41
CA HIS A 173 -16.85 6.77 15.04
C HIS A 173 -16.91 5.47 14.26
N ASN A 174 -16.06 5.30 13.26
CA ASN A 174 -16.10 4.05 12.50
C ASN A 174 -15.47 2.88 13.26
N PHE A 175 -14.55 3.17 14.17
CA PHE A 175 -13.89 2.11 14.93
C PHE A 175 -13.88 2.48 16.42
N PRO A 176 -15.04 2.43 17.07
CA PRO A 176 -15.11 2.76 18.49
C PRO A 176 -14.18 1.90 19.37
N GLN A 177 -13.87 0.70 18.90
CA GLN A 177 -13.02 -0.21 19.65
C GLN A 177 -11.52 -0.08 19.31
N ALA A 178 -11.17 0.73 18.31
CA ALA A 178 -9.76 0.88 17.94
C ALA A 178 -8.98 1.43 19.13
N ILE A 179 -7.82 0.85 19.43
CA ILE A 179 -7.00 1.31 20.57
C ILE A 179 -5.83 2.21 20.16
N ALA A 180 -5.46 2.20 18.88
CA ALA A 180 -4.35 3.04 18.41
C ALA A 180 -4.41 3.21 16.91
N VAL A 181 -3.77 4.28 16.42
CA VAL A 181 -3.76 4.56 14.98
C VAL A 181 -2.36 4.89 14.48
N GLU A 182 -2.02 4.34 13.32
CA GLU A 182 -0.72 4.62 12.74
C GLU A 182 -0.80 4.46 11.23
N MET A 183 0.32 4.22 10.56
CA MET A 183 0.31 4.19 9.10
C MET A 183 0.91 2.98 8.35
N GLU A 184 1.26 1.91 9.04
CA GLU A 184 1.86 0.78 8.36
C GLU A 184 1.35 -0.60 8.72
N ALA A 185 0.96 -0.77 9.98
CA ALA A 185 0.51 -2.07 10.46
C ALA A 185 -0.42 -2.86 9.54
N THR A 186 -1.56 -2.29 9.15
CA THR A 186 -2.50 -3.03 8.31
C THR A 186 -1.95 -3.42 6.93
N ALA A 187 -1.02 -2.64 6.39
CA ALA A 187 -0.41 -2.96 5.09
C ALA A 187 0.51 -4.17 5.27
N ILE A 188 1.20 -4.19 6.40
CA ILE A 188 2.11 -5.27 6.73
C ILE A 188 1.30 -6.55 7.00
N ALA A 189 0.21 -6.41 7.75
CA ALA A 189 -0.65 -7.55 8.06
C ALA A 189 -1.28 -8.08 6.76
N HIS A 190 -1.62 -7.17 5.85
CA HIS A 190 -2.24 -7.52 4.55
C HIS A 190 -1.26 -8.36 3.74
N VAL A 191 -0.03 -7.89 3.63
CA VAL A 191 0.99 -8.62 2.91
C VAL A 191 1.20 -9.99 3.57
N CYS A 192 1.34 -10.01 4.91
CA CYS A 192 1.56 -11.26 5.65
C CYS A 192 0.44 -12.26 5.44
N HIS A 193 -0.78 -11.75 5.43
CA HIS A 193 -1.97 -12.57 5.22
C HIS A 193 -1.87 -13.27 3.85
N ASN A 194 -1.49 -12.51 2.83
CA ASN A 194 -1.40 -13.06 1.49
C ASN A 194 -0.30 -14.12 1.32
N PHE A 195 0.67 -14.12 2.23
CA PHE A 195 1.78 -15.07 2.18
C PHE A 195 1.67 -16.07 3.33
N ASN A 196 0.61 -15.94 4.12
CA ASN A 196 0.37 -16.82 5.24
C ASN A 196 1.50 -16.80 6.28
N VAL A 197 1.95 -15.59 6.62
CA VAL A 197 3.01 -15.42 7.62
C VAL A 197 2.40 -14.78 8.89
N PRO A 198 2.65 -15.40 10.06
CA PRO A 198 2.12 -14.88 11.33
C PRO A 198 2.76 -13.51 11.59
N PHE A 199 1.95 -12.57 12.11
CA PHE A 199 2.43 -11.23 12.42
C PHE A 199 1.80 -10.73 13.72
N VAL A 200 2.42 -9.71 14.30
CA VAL A 200 1.90 -9.08 15.50
C VAL A 200 2.48 -7.67 15.49
N VAL A 201 1.68 -6.71 15.94
CA VAL A 201 2.10 -5.33 16.02
C VAL A 201 2.39 -5.04 17.49
N VAL A 202 3.59 -4.52 17.78
CA VAL A 202 3.96 -4.16 19.14
C VAL A 202 4.61 -2.79 19.06
N ARG A 203 3.80 -1.75 19.22
CA ARG A 203 4.29 -0.38 19.15
C ARG A 203 4.10 0.31 20.51
N ALA A 204 4.65 1.52 20.64
CA ALA A 204 4.53 2.30 21.87
C ALA A 204 3.88 3.63 21.51
N ILE A 205 3.20 4.22 22.49
CA ILE A 205 2.48 5.49 22.32
C ILE A 205 3.38 6.75 22.40
N SER A 206 3.27 7.62 21.39
CA SER A 206 4.04 8.86 21.35
C SER A 206 3.13 10.08 21.29
N ASN A 207 1.81 9.84 21.23
CA ASN A 207 0.82 10.90 21.17
C ASN A 207 -0.55 10.26 21.25
N VAL A 208 -1.61 11.07 21.39
CA VAL A 208 -2.97 10.56 21.44
C VAL A 208 -3.81 11.02 20.27
N ALA A 209 -3.15 11.20 19.14
CA ALA A 209 -3.81 11.55 17.90
C ALA A 209 -4.75 12.73 17.93
N ASP A 210 -4.59 13.64 18.89
CA ASP A 210 -5.46 14.82 18.96
C ASP A 210 -4.72 16.02 18.36
N GLN A 211 -5.24 17.23 18.56
CA GLN A 211 -4.60 18.41 17.97
C GLN A 211 -3.18 18.69 18.48
N GLN A 212 -2.79 18.03 19.57
CA GLN A 212 -1.45 18.19 20.13
C GLN A 212 -0.55 17.05 19.65
N SER A 213 -1.07 16.18 18.78
CA SER A 213 -0.31 15.03 18.33
C SER A 213 1.08 15.32 17.73
N HIS A 214 1.22 16.36 16.93
CA HIS A 214 2.52 16.67 16.34
C HIS A 214 3.51 17.14 17.43
N LEU A 215 3.08 18.05 18.30
CA LEU A 215 3.91 18.51 19.40
C LEU A 215 4.37 17.29 20.23
N SER A 216 3.40 16.43 20.56
CA SER A 216 3.68 15.24 21.38
C SER A 216 4.58 14.21 20.68
N PHE A 217 4.30 13.95 19.40
CA PHE A 217 5.10 13.03 18.60
C PHE A 217 6.58 13.46 18.61
N ASP A 218 6.86 14.71 18.30
CA ASP A 218 8.23 15.20 18.31
C ASP A 218 8.88 15.05 19.68
N GLU A 219 8.12 15.32 20.73
CA GLU A 219 8.63 15.23 22.10
C GLU A 219 8.79 13.80 22.61
N PHE A 220 7.87 12.92 22.24
CA PHE A 220 7.91 11.55 22.75
C PHE A 220 8.23 10.38 21.81
N LEU A 221 8.76 10.65 20.62
CA LEU A 221 9.09 9.56 19.71
C LEU A 221 10.24 8.71 20.25
N ALA A 222 11.24 9.36 20.84
CA ALA A 222 12.39 8.64 21.39
C ALA A 222 11.97 7.69 22.51
N VAL A 223 11.14 8.16 23.43
CA VAL A 223 10.71 7.27 24.50
C VAL A 223 9.85 6.13 23.96
N ALA A 224 9.09 6.38 22.90
CA ALA A 224 8.25 5.35 22.32
C ALA A 224 9.18 4.32 21.67
N ALA A 225 10.15 4.81 20.91
CA ALA A 225 11.11 3.94 20.24
C ALA A 225 11.83 3.06 21.25
N LYS A 226 12.21 3.66 22.38
CA LYS A 226 12.90 2.94 23.44
C LYS A 226 12.04 1.79 23.99
N GLN A 227 10.82 2.11 24.41
CA GLN A 227 9.91 1.13 24.98
C GLN A 227 9.50 0.03 23.97
N SER A 228 9.20 0.40 22.74
CA SER A 228 8.86 -0.62 21.75
C SER A 228 10.09 -1.47 21.50
N SER A 229 11.26 -0.84 21.38
CA SER A 229 12.49 -1.59 21.13
C SER A 229 12.76 -2.58 22.26
N LEU A 230 12.53 -2.16 23.50
CA LEU A 230 12.75 -3.03 24.65
C LEU A 230 11.82 -4.24 24.53
N MET A 231 10.58 -3.99 24.12
CA MET A 231 9.59 -5.04 23.98
C MET A 231 9.94 -6.04 22.88
N VAL A 232 10.45 -5.55 21.75
CA VAL A 232 10.83 -6.42 20.65
C VAL A 232 12.04 -7.26 21.05
N GLU A 233 12.98 -6.65 21.75
CA GLU A 233 14.17 -7.37 22.19
C GLU A 233 13.73 -8.53 23.08
N SER A 234 12.85 -8.23 24.02
CA SER A 234 12.33 -9.21 24.95
C SER A 234 11.48 -10.29 24.23
N LEU A 235 10.65 -9.86 23.28
CA LEU A 235 9.81 -10.78 22.54
C LEU A 235 10.59 -11.77 21.68
N VAL A 236 11.61 -11.29 20.98
CA VAL A 236 12.45 -12.13 20.13
C VAL A 236 13.08 -13.23 21.00
N GLN A 237 13.52 -12.84 22.18
CA GLN A 237 14.15 -13.79 23.10
C GLN A 237 13.15 -14.83 23.57
N LYS A 238 11.95 -14.39 23.94
CA LYS A 238 10.92 -15.30 24.41
C LYS A 238 10.45 -16.23 23.30
N LEU A 239 10.21 -15.69 22.11
CA LEU A 239 9.75 -16.50 20.99
C LEU A 239 10.78 -17.56 20.61
N ALA A 240 12.06 -17.28 20.79
CA ALA A 240 13.10 -18.22 20.40
C ALA A 240 13.49 -19.26 21.43
N HIS A 241 13.35 -18.96 22.71
CA HIS A 241 13.77 -19.94 23.71
C HIS A 241 12.82 -20.22 24.85
N GLY A 242 11.73 -19.47 24.92
CA GLY A 242 10.75 -19.68 25.98
C GLY A 242 10.74 -18.61 27.05
N MET B 11 11.93 -6.44 -25.97
CA MET B 11 11.44 -5.82 -24.70
C MET B 11 10.25 -6.57 -24.14
N LYS B 12 10.10 -6.51 -22.81
CA LYS B 12 9.00 -7.16 -22.11
C LYS B 12 8.16 -6.07 -21.44
N ILE B 13 6.88 -6.01 -21.81
CA ILE B 13 5.98 -4.98 -21.28
C ILE B 13 5.07 -5.47 -20.15
N GLY B 14 5.20 -4.85 -19.00
CA GLY B 14 4.38 -5.20 -17.85
C GLY B 14 3.04 -4.48 -17.88
N ILE B 15 1.99 -5.21 -17.52
CA ILE B 15 0.62 -4.69 -17.50
C ILE B 15 -0.05 -5.09 -16.19
N ILE B 16 -0.71 -4.14 -15.55
CA ILE B 16 -1.38 -4.39 -14.28
C ILE B 16 -2.81 -3.85 -14.30
N GLY B 17 -3.74 -4.74 -13.99
CA GLY B 17 -5.16 -4.43 -13.88
C GLY B 17 -5.57 -4.97 -12.50
N ALA B 18 -6.61 -4.42 -11.90
CA ALA B 18 -7.03 -4.85 -10.56
C ALA B 18 -7.99 -6.02 -10.55
N MET B 19 -9.03 -5.90 -11.37
CA MET B 19 -10.09 -6.89 -11.44
C MET B 19 -10.04 -7.86 -12.63
N GLU B 20 -10.64 -9.04 -12.44
CA GLU B 20 -10.68 -10.05 -13.48
C GLU B 20 -11.28 -9.42 -14.72
N GLU B 21 -12.35 -8.66 -14.51
CA GLU B 21 -13.01 -8.00 -15.63
C GLU B 21 -12.08 -7.07 -16.42
N GLU B 22 -11.09 -6.48 -15.74
CA GLU B 22 -10.17 -5.57 -16.42
C GLU B 22 -9.02 -6.26 -17.16
N VAL B 23 -8.66 -7.46 -16.71
CA VAL B 23 -7.54 -8.19 -17.31
C VAL B 23 -7.92 -9.40 -18.16
N THR B 24 -9.17 -9.86 -18.04
CA THR B 24 -9.58 -11.06 -18.77
C THR B 24 -9.51 -10.99 -20.30
N LEU B 25 -9.90 -9.86 -20.89
CA LEU B 25 -9.84 -9.72 -22.36
C LEU B 25 -8.40 -9.88 -22.84
N LEU B 26 -7.46 -9.29 -22.09
CA LEU B 26 -6.06 -9.37 -22.45
C LEU B 26 -5.51 -10.79 -22.21
N ARG B 27 -5.86 -11.37 -21.08
CA ARG B 27 -5.38 -12.72 -20.79
C ARG B 27 -5.78 -13.66 -21.93
N ASP B 28 -7.00 -13.50 -22.45
CA ASP B 28 -7.45 -14.34 -23.56
C ASP B 28 -6.56 -14.23 -24.79
N LYS B 29 -5.87 -13.09 -24.96
CA LYS B 29 -5.01 -12.92 -26.13
C LYS B 29 -3.55 -13.31 -25.94
N ILE B 30 -3.13 -13.54 -24.70
CA ILE B 30 -1.74 -13.93 -24.47
C ILE B 30 -1.47 -15.37 -24.93
N GLU B 31 -0.50 -15.52 -25.84
CA GLU B 31 -0.10 -16.83 -26.39
C GLU B 31 1.17 -17.33 -25.70
N ASN B 32 1.48 -18.62 -25.82
CA ASN B 32 2.63 -19.20 -25.13
C ASN B 32 2.48 -18.77 -23.67
N ARG B 33 1.23 -18.79 -23.26
CA ARG B 33 0.79 -18.36 -21.95
C ARG B 33 1.04 -19.32 -20.78
N GLN B 34 1.65 -18.77 -19.74
CA GLN B 34 1.92 -19.49 -18.50
C GLN B 34 1.34 -18.63 -17.39
N THR B 35 1.07 -19.21 -16.23
CA THR B 35 0.52 -18.45 -15.11
C THR B 35 1.38 -18.60 -13.86
N ILE B 36 1.63 -17.48 -13.19
CA ILE B 36 2.39 -17.49 -11.95
C ILE B 36 1.41 -17.09 -10.85
N SER B 37 1.30 -17.92 -9.82
CA SER B 37 0.41 -17.62 -8.70
C SER B 37 1.29 -17.40 -7.48
N LEU B 38 1.24 -16.22 -6.90
CA LEU B 38 2.07 -15.92 -5.74
C LEU B 38 1.50 -14.73 -4.94
N GLY B 39 1.66 -14.78 -3.62
CA GLY B 39 1.19 -13.71 -2.75
C GLY B 39 -0.26 -13.31 -2.98
N GLY B 40 -1.08 -14.24 -3.47
CA GLY B 40 -2.47 -13.95 -3.72
C GLY B 40 -2.70 -13.28 -5.07
N CYS B 41 -1.64 -13.17 -5.86
CA CYS B 41 -1.73 -12.55 -7.18
C CYS B 41 -1.54 -13.59 -8.26
N GLU B 42 -1.94 -13.22 -9.47
CA GLU B 42 -1.77 -14.06 -10.64
C GLU B 42 -1.12 -13.21 -11.70
N ILE B 43 -0.13 -13.77 -12.37
CA ILE B 43 0.57 -13.09 -13.44
C ILE B 43 0.51 -14.04 -14.62
N TYR B 44 0.13 -13.52 -15.79
CA TYR B 44 0.04 -14.33 -16.98
C TYR B 44 1.15 -13.82 -17.87
N THR B 45 2.03 -14.71 -18.30
CA THR B 45 3.13 -14.31 -19.15
C THR B 45 2.95 -14.91 -20.54
N GLY B 46 3.68 -14.37 -21.51
CA GLY B 46 3.57 -14.87 -22.88
C GLY B 46 3.64 -13.72 -23.86
N GLN B 47 3.12 -13.91 -25.06
CA GLN B 47 3.17 -12.87 -26.05
C GLN B 47 1.80 -12.32 -26.41
N LEU B 48 1.73 -11.01 -26.58
CA LEU B 48 0.48 -10.38 -26.94
C LEU B 48 0.71 -9.79 -28.32
N ASN B 49 0.02 -10.33 -29.32
CA ASN B 49 0.18 -9.86 -30.69
C ASN B 49 1.66 -9.72 -31.02
N GLY B 50 2.44 -10.75 -30.71
CA GLY B 50 3.87 -10.73 -30.99
C GLY B 50 4.79 -9.93 -30.08
N THR B 51 4.32 -9.57 -28.88
CA THR B 51 5.17 -8.82 -27.96
C THR B 51 5.15 -9.50 -26.59
N GLU B 52 6.33 -9.67 -26.01
CA GLU B 52 6.45 -10.30 -24.71
C GLU B 52 5.81 -9.41 -23.65
N VAL B 53 4.88 -9.98 -22.88
CA VAL B 53 4.23 -9.24 -21.82
C VAL B 53 4.17 -10.07 -20.55
N ALA B 54 3.83 -9.40 -19.46
CA ALA B 54 3.64 -10.01 -18.15
C ALA B 54 2.43 -9.24 -17.62
N LEU B 55 1.29 -9.93 -17.51
CA LEU B 55 0.05 -9.31 -17.07
C LEU B 55 -0.31 -9.70 -15.65
N LEU B 56 -0.30 -8.71 -14.76
CA LEU B 56 -0.62 -8.92 -13.36
C LEU B 56 -2.05 -8.53 -13.03
N LYS B 57 -2.76 -9.41 -12.35
CA LYS B 57 -4.12 -9.10 -11.86
C LYS B 57 -3.80 -8.84 -10.40
N SER B 58 -3.76 -7.57 -10.01
CA SER B 58 -3.36 -7.19 -8.65
C SER B 58 -4.33 -7.26 -7.50
N GLY B 59 -5.61 -7.11 -7.78
CA GLY B 59 -6.57 -7.04 -6.72
C GLY B 59 -6.74 -5.53 -6.53
N ILE B 60 -7.78 -5.12 -5.80
CA ILE B 60 -8.08 -3.72 -5.58
C ILE B 60 -7.39 -3.03 -4.39
N GLY B 61 -7.06 -1.75 -4.54
CA GLY B 61 -6.44 -1.02 -3.43
C GLY B 61 -4.93 -0.81 -3.54
N LYS B 62 -4.41 0.14 -2.77
CA LYS B 62 -2.99 0.46 -2.84
C LYS B 62 -2.03 -0.64 -2.38
N VAL B 63 -2.34 -1.31 -1.27
CA VAL B 63 -1.44 -2.36 -0.79
C VAL B 63 -1.41 -3.56 -1.72
N ALA B 64 -2.57 -3.99 -2.19
CA ALA B 64 -2.66 -5.12 -3.10
C ALA B 64 -1.90 -4.78 -4.37
N ALA B 65 -2.08 -3.55 -4.86
CA ALA B 65 -1.37 -3.14 -6.07
C ALA B 65 0.14 -3.06 -5.84
N ALA B 66 0.54 -2.60 -4.65
CA ALA B 66 1.96 -2.46 -4.34
C ALA B 66 2.65 -3.81 -4.20
N LEU B 67 1.96 -4.75 -3.54
CA LEU B 67 2.50 -6.10 -3.37
C LEU B 67 2.61 -6.75 -4.77
N GLY B 68 1.54 -6.62 -5.55
CA GLY B 68 1.51 -7.18 -6.90
C GLY B 68 2.64 -6.64 -7.77
N ALA B 69 2.77 -5.32 -7.82
CA ALA B 69 3.81 -4.70 -8.63
C ALA B 69 5.19 -5.14 -8.19
N THR B 70 5.41 -5.23 -6.89
CA THR B 70 6.71 -5.67 -6.39
C THR B 70 7.02 -7.08 -6.87
N LEU B 71 6.06 -7.99 -6.79
CA LEU B 71 6.29 -9.36 -7.26
C LEU B 71 6.54 -9.39 -8.78
N LEU B 72 5.77 -8.64 -9.56
CA LEU B 72 5.91 -8.60 -11.02
C LEU B 72 7.32 -8.15 -11.43
N LEU B 73 7.78 -7.04 -10.86
CA LEU B 73 9.12 -6.55 -11.19
C LEU B 73 10.17 -7.59 -10.84
N GLU B 74 10.17 -8.05 -9.60
CA GLU B 74 11.15 -9.04 -9.16
C GLU B 74 11.13 -10.37 -9.91
N HIS B 75 9.96 -10.90 -10.21
CA HIS B 75 9.87 -12.18 -10.91
C HIS B 75 9.85 -12.10 -12.43
N CYS B 76 9.47 -10.97 -12.99
CA CYS B 76 9.41 -10.85 -14.45
C CYS B 76 10.28 -9.78 -15.05
N LYS B 77 10.69 -8.81 -14.23
CA LYS B 77 11.53 -7.72 -14.65
C LYS B 77 11.13 -7.09 -15.99
N PRO B 78 9.90 -6.56 -16.06
CA PRO B 78 9.49 -5.94 -17.33
C PRO B 78 10.27 -4.64 -17.52
N ASP B 79 10.37 -4.17 -18.76
CA ASP B 79 11.11 -2.94 -19.01
C ASP B 79 10.30 -1.70 -18.63
N VAL B 80 8.99 -1.80 -18.79
CA VAL B 80 8.10 -0.69 -18.48
C VAL B 80 6.77 -1.25 -17.97
N ILE B 81 6.00 -0.41 -17.30
CA ILE B 81 4.73 -0.86 -16.77
C ILE B 81 3.57 -0.03 -17.28
N ILE B 82 2.48 -0.70 -17.63
CA ILE B 82 1.26 -0.03 -18.07
C ILE B 82 0.15 -0.42 -17.10
N ASN B 83 -0.43 0.55 -16.40
CA ASN B 83 -1.52 0.27 -15.46
C ASN B 83 -2.81 0.55 -16.21
N THR B 84 -3.71 -0.41 -16.23
CA THR B 84 -4.97 -0.24 -16.95
C THR B 84 -6.20 -0.50 -16.06
N GLY B 85 -7.39 -0.50 -16.65
CA GLY B 85 -8.60 -0.72 -15.87
C GLY B 85 -9.55 0.46 -16.03
N SER B 86 -10.55 0.62 -15.16
CA SER B 86 -11.47 1.75 -15.28
C SER B 86 -11.11 2.81 -14.26
N ALA B 87 -11.76 3.97 -14.35
CA ALA B 87 -11.50 5.06 -13.42
C ALA B 87 -12.70 6.00 -13.39
N GLY B 88 -12.74 6.87 -12.39
CA GLY B 88 -13.81 7.85 -12.27
C GLY B 88 -13.34 9.14 -12.94
N GLY B 89 -14.04 9.57 -13.99
CA GLY B 89 -13.66 10.79 -14.69
C GLY B 89 -13.96 12.04 -13.89
N LEU B 90 -13.02 12.98 -13.91
CA LEU B 90 -13.13 14.25 -13.19
C LEU B 90 -13.05 15.43 -14.18
N ALA B 91 -12.33 15.26 -15.28
CA ALA B 91 -12.21 16.32 -16.29
C ALA B 91 -13.55 16.51 -16.99
N PRO B 92 -13.97 17.77 -17.19
CA PRO B 92 -15.24 18.08 -17.84
C PRO B 92 -15.52 17.43 -19.20
N THR B 93 -14.48 17.17 -19.98
CA THR B 93 -14.72 16.58 -21.30
C THR B 93 -14.75 15.05 -21.37
N LEU B 94 -14.68 14.37 -20.23
CA LEU B 94 -14.70 12.91 -20.23
C LEU B 94 -16.09 12.32 -20.18
N LYS B 95 -16.32 11.29 -20.98
CA LYS B 95 -17.59 10.58 -21.01
C LYS B 95 -17.23 9.14 -20.77
N VAL B 96 -18.20 8.32 -20.36
CA VAL B 96 -17.93 6.91 -20.09
C VAL B 96 -17.29 6.32 -21.33
N GLY B 97 -16.33 5.40 -21.14
CA GLY B 97 -15.65 4.79 -22.25
C GLY B 97 -14.39 5.53 -22.70
N ASP B 98 -14.32 6.85 -22.47
CA ASP B 98 -13.16 7.63 -22.87
C ASP B 98 -11.89 7.25 -22.12
N ILE B 99 -10.76 7.68 -22.66
CA ILE B 99 -9.47 7.34 -22.08
C ILE B 99 -8.82 8.45 -21.27
N VAL B 100 -8.11 8.07 -20.21
CA VAL B 100 -7.36 9.01 -19.42
C VAL B 100 -5.92 8.50 -19.42
N VAL B 101 -5.00 9.40 -19.71
CA VAL B 101 -3.59 9.06 -19.74
C VAL B 101 -2.89 9.88 -18.65
N SER B 102 -2.10 9.18 -17.85
CA SER B 102 -1.38 9.81 -16.76
C SER B 102 -0.12 10.56 -17.19
N ASP B 103 -0.05 11.81 -16.76
CA ASP B 103 1.11 12.66 -16.94
C ASP B 103 1.85 12.38 -15.62
N GLU B 104 1.04 12.13 -14.59
CA GLU B 104 1.54 11.97 -13.24
C GLU B 104 0.50 11.32 -12.33
N ALA B 105 0.95 10.75 -11.20
CA ALA B 105 0.04 10.12 -10.24
C ALA B 105 0.36 10.64 -8.84
N ARG B 106 -0.67 10.90 -8.04
CA ARG B 106 -0.53 11.41 -6.68
C ARG B 106 -1.57 10.79 -5.76
N TYR B 107 -1.19 10.52 -4.51
CA TYR B 107 -2.13 9.97 -3.53
C TYR B 107 -3.08 11.10 -3.12
N HIS B 108 -4.40 10.93 -3.26
CA HIS B 108 -5.27 12.02 -2.81
C HIS B 108 -5.57 11.88 -1.31
N ASP B 109 -5.30 10.70 -0.77
CA ASP B 109 -5.58 10.42 0.66
C ASP B 109 -4.34 10.31 1.57
N ALA B 110 -3.21 10.83 1.11
CA ALA B 110 -2.01 10.79 1.94
C ALA B 110 -1.79 12.19 2.52
N ASP B 111 -1.66 12.26 3.84
CA ASP B 111 -1.50 13.55 4.47
C ASP B 111 -0.58 13.58 5.69
N VAL B 112 0.60 14.11 5.47
CA VAL B 112 1.63 14.27 6.48
C VAL B 112 2.05 15.74 6.41
N THR B 113 1.09 16.59 6.06
CA THR B 113 1.35 18.02 5.96
C THR B 113 1.70 18.57 7.33
N ALA B 114 1.27 17.88 8.39
CA ALA B 114 1.60 18.34 9.73
C ALA B 114 3.13 18.38 9.89
N PHE B 115 3.84 17.62 9.07
CA PHE B 115 5.29 17.57 9.14
C PHE B 115 5.99 18.35 8.01
N GLY B 116 5.26 19.20 7.30
CA GLY B 116 5.88 19.98 6.23
C GLY B 116 5.93 19.35 4.85
N TYR B 117 5.34 18.18 4.67
CA TYR B 117 5.33 17.55 3.36
C TYR B 117 4.14 18.11 2.59
N GLU B 118 4.25 18.11 1.28
CA GLU B 118 3.19 18.60 0.43
C GLU B 118 1.98 17.68 0.63
N TYR B 119 0.77 18.20 0.45
CA TYR B 119 -0.39 17.35 0.60
C TYR B 119 -0.30 16.23 -0.43
N GLY B 120 -0.60 14.99 -0.01
CA GLY B 120 -0.55 13.87 -0.93
C GLY B 120 0.84 13.22 -0.95
N GLN B 121 1.83 13.92 -0.43
CA GLN B 121 3.20 13.39 -0.40
C GLN B 121 3.51 12.61 0.88
N LEU B 122 4.16 11.45 0.72
CA LEU B 122 4.57 10.65 1.84
C LEU B 122 6.08 10.87 2.00
N PRO B 123 6.58 10.90 3.24
CA PRO B 123 8.01 11.10 3.49
C PRO B 123 8.86 10.08 2.75
N GLY B 124 9.93 10.56 2.12
CA GLY B 124 10.81 9.67 1.38
C GLY B 124 10.42 9.51 -0.06
N CYS B 125 9.34 10.18 -0.48
CA CYS B 125 8.86 10.11 -1.86
C CYS B 125 8.67 11.50 -2.46
N PRO B 126 8.66 11.59 -3.80
CA PRO B 126 8.45 12.87 -4.48
C PRO B 126 6.95 13.10 -4.25
N ALA B 127 6.49 14.35 -4.28
CA ALA B 127 5.08 14.67 -4.06
C ALA B 127 4.16 14.04 -5.11
N GLY B 128 4.72 13.75 -6.29
CA GLY B 128 3.97 13.14 -7.37
C GLY B 128 4.91 12.24 -8.17
N PHE B 129 4.39 11.22 -8.83
CA PHE B 129 5.23 10.33 -9.62
C PHE B 129 4.98 10.60 -11.11
N LYS B 130 6.00 11.09 -11.81
CA LYS B 130 5.84 11.41 -13.23
C LYS B 130 5.89 10.20 -14.16
N ALA B 131 4.86 10.07 -14.99
CA ALA B 131 4.77 8.98 -15.94
C ALA B 131 5.79 9.25 -17.05
N ASP B 132 6.24 8.19 -17.70
CA ASP B 132 7.24 8.28 -18.73
C ASP B 132 6.82 9.03 -20.00
N ASP B 133 7.62 10.00 -20.44
CA ASP B 133 7.30 10.79 -21.65
C ASP B 133 7.11 9.96 -22.92
N LYS B 134 7.98 8.98 -23.15
CA LYS B 134 7.86 8.15 -24.36
C LYS B 134 6.62 7.28 -24.32
N LEU B 135 6.32 6.72 -23.15
CA LEU B 135 5.12 5.88 -23.01
C LEU B 135 3.91 6.76 -23.22
N ILE B 136 3.98 8.00 -22.74
CA ILE B 136 2.86 8.91 -22.91
C ILE B 136 2.67 9.25 -24.39
N ALA B 137 3.77 9.65 -25.05
CA ALA B 137 3.74 10.00 -26.45
C ALA B 137 3.14 8.87 -27.28
N ALA B 138 3.56 7.65 -27.01
CA ALA B 138 3.05 6.49 -27.73
C ALA B 138 1.55 6.35 -27.49
N ALA B 139 1.12 6.53 -26.25
CA ALA B 139 -0.30 6.41 -25.94
C ALA B 139 -1.11 7.45 -26.75
N GLU B 140 -0.63 8.68 -26.75
CA GLU B 140 -1.28 9.76 -27.47
C GLU B 140 -1.34 9.47 -28.97
N ALA B 141 -0.38 8.70 -29.47
CA ALA B 141 -0.35 8.37 -30.91
C ALA B 141 -1.48 7.38 -31.21
N CYS B 142 -1.60 6.35 -30.37
CA CYS B 142 -2.63 5.34 -30.54
C CYS B 142 -4.01 6.03 -30.45
N ILE B 143 -4.15 6.93 -29.49
CA ILE B 143 -5.41 7.65 -29.32
C ILE B 143 -5.80 8.41 -30.59
N ALA B 144 -4.83 9.07 -31.21
CA ALA B 144 -5.12 9.81 -32.44
C ALA B 144 -5.43 8.83 -33.58
N GLU B 145 -4.64 7.76 -33.68
CA GLU B 145 -4.85 6.75 -34.72
C GLU B 145 -6.20 6.03 -34.57
N LEU B 146 -6.68 5.91 -33.34
CA LEU B 146 -7.96 5.23 -33.12
C LEU B 146 -9.15 6.18 -33.06
N ASN B 147 -8.88 7.47 -33.18
CA ASN B 147 -9.93 8.50 -33.15
C ASN B 147 -10.72 8.45 -31.83
N LEU B 148 -9.99 8.31 -30.73
CA LEU B 148 -10.59 8.25 -29.40
C LEU B 148 -10.57 9.62 -28.72
N ASN B 149 -11.47 9.78 -27.75
CA ASN B 149 -11.54 11.01 -26.98
C ASN B 149 -10.79 10.68 -25.70
N ALA B 150 -9.75 11.45 -25.40
CA ALA B 150 -8.96 11.23 -24.20
C ALA B 150 -8.49 12.52 -23.55
N VAL B 151 -8.02 12.39 -22.30
CA VAL B 151 -7.48 13.51 -21.54
C VAL B 151 -6.20 13.01 -20.86
N ARG B 152 -5.15 13.82 -20.86
CA ARG B 152 -3.91 13.43 -20.21
C ARG B 152 -3.68 14.40 -19.07
N GLY B 153 -3.14 13.89 -17.97
CA GLY B 153 -2.91 14.74 -16.83
C GLY B 153 -2.80 13.96 -15.53
N LEU B 154 -3.03 14.65 -14.42
CA LEU B 154 -2.92 14.02 -13.12
C LEU B 154 -4.05 13.07 -12.78
N ILE B 155 -3.66 11.88 -12.34
CA ILE B 155 -4.60 10.86 -11.88
C ILE B 155 -4.29 10.69 -10.40
N VAL B 156 -5.30 10.70 -9.54
CA VAL B 156 -5.07 10.55 -8.12
C VAL B 156 -5.61 9.21 -7.62
N SER B 157 -4.91 8.62 -6.65
CA SER B 157 -5.29 7.32 -6.12
C SER B 157 -5.54 7.38 -4.62
N GLY B 158 -6.44 6.53 -4.14
CA GLY B 158 -6.76 6.45 -2.72
C GLY B 158 -7.39 5.10 -2.46
N ASP B 159 -7.68 4.77 -1.21
CA ASP B 159 -8.30 3.47 -0.92
C ASP B 159 -9.81 3.60 -0.71
N ALA B 160 -10.40 4.64 -1.31
CA ALA B 160 -11.85 4.85 -1.21
C ALA B 160 -12.54 5.00 -2.58
N PHE B 161 -13.70 4.37 -2.75
CA PHE B 161 -14.44 4.51 -3.99
C PHE B 161 -15.11 5.87 -3.89
N ILE B 162 -14.85 6.74 -4.87
CA ILE B 162 -15.41 8.08 -4.81
C ILE B 162 -16.78 8.19 -5.46
N ASN B 163 -17.72 8.77 -4.72
CA ASN B 163 -19.06 8.93 -5.24
C ASN B 163 -19.78 10.17 -4.71
N GLY B 164 -19.29 11.33 -5.15
CA GLY B 164 -19.88 12.59 -4.73
C GLY B 164 -19.59 12.92 -3.29
N SER B 165 -20.37 13.86 -2.76
CA SER B 165 -20.25 14.32 -1.38
C SER B 165 -18.86 14.76 -0.92
N VAL B 166 -18.59 14.57 0.36
CA VAL B 166 -17.33 14.99 0.96
C VAL B 166 -16.13 14.37 0.25
N GLY B 167 -16.27 13.09 -0.13
CA GLY B 167 -15.18 12.42 -0.81
C GLY B 167 -14.77 13.17 -2.06
N LEU B 168 -15.75 13.55 -2.87
CA LEU B 168 -15.48 14.28 -4.10
C LEU B 168 -15.04 15.70 -3.82
N ALA B 169 -15.59 16.33 -2.79
CA ALA B 169 -15.25 17.72 -2.47
C ALA B 169 -13.81 17.85 -1.99
N LYS B 170 -13.35 16.89 -1.21
CA LYS B 170 -11.99 16.94 -0.70
C LYS B 170 -11.02 16.78 -1.87
N ILE B 171 -11.33 15.89 -2.81
CA ILE B 171 -10.45 15.71 -3.96
C ILE B 171 -10.42 17.00 -4.80
N ARG B 172 -11.56 17.63 -4.98
CA ARG B 172 -11.60 18.87 -5.76
C ARG B 172 -10.80 19.94 -5.05
N HIS B 173 -10.88 19.95 -3.72
CA HIS B 173 -10.15 20.94 -2.94
C HIS B 173 -8.63 20.85 -3.06
N ASN B 174 -8.09 19.64 -2.87
CA ASN B 174 -6.65 19.44 -2.93
C ASN B 174 -6.05 19.30 -4.33
N PHE B 175 -6.82 18.72 -5.25
CA PHE B 175 -6.35 18.52 -6.63
C PHE B 175 -7.39 18.94 -7.68
N PRO B 176 -7.65 20.25 -7.79
CA PRO B 176 -8.62 20.74 -8.77
C PRO B 176 -8.27 20.39 -10.21
N GLN B 177 -7.00 20.06 -10.46
CA GLN B 177 -6.57 19.71 -11.82
C GLN B 177 -6.59 18.19 -12.07
N ALA B 178 -6.93 17.39 -11.07
CA ALA B 178 -6.96 15.94 -11.29
C ALA B 178 -7.96 15.60 -12.40
N ILE B 179 -7.56 14.76 -13.36
CA ILE B 179 -8.48 14.42 -14.45
C ILE B 179 -9.29 13.16 -14.14
N ALA B 180 -8.79 12.33 -13.23
CA ALA B 180 -9.49 11.11 -12.86
C ALA B 180 -9.04 10.60 -11.50
N VAL B 181 -9.85 9.71 -10.92
CA VAL B 181 -9.53 9.15 -9.63
C VAL B 181 -9.76 7.64 -9.63
N GLU B 182 -8.84 6.90 -9.01
CA GLU B 182 -9.00 5.46 -8.91
C GLU B 182 -8.30 4.95 -7.66
N MET B 183 -7.95 3.66 -7.61
CA MET B 183 -7.36 3.11 -6.39
C MET B 183 -6.04 2.32 -6.45
N GLU B 184 -5.36 2.28 -7.60
CA GLU B 184 -4.09 1.54 -7.68
C GLU B 184 -2.93 2.28 -8.37
N ALA B 185 -3.24 3.17 -9.28
CA ALA B 185 -2.22 3.86 -10.06
C ALA B 185 -0.98 4.39 -9.31
N THR B 186 -1.21 5.14 -8.25
CA THR B 186 -0.09 5.74 -7.54
C THR B 186 0.75 4.72 -6.76
N ALA B 187 0.13 3.65 -6.26
CA ALA B 187 0.87 2.63 -5.52
C ALA B 187 1.83 1.97 -6.52
N ILE B 188 1.34 1.76 -7.74
CA ILE B 188 2.14 1.18 -8.79
C ILE B 188 3.27 2.15 -9.19
N ALA B 189 2.93 3.43 -9.33
CA ALA B 189 3.93 4.44 -9.70
C ALA B 189 5.00 4.53 -8.60
N HIS B 190 4.56 4.43 -7.35
CA HIS B 190 5.45 4.48 -6.19
C HIS B 190 6.42 3.30 -6.23
N VAL B 191 5.91 2.09 -6.52
CA VAL B 191 6.79 0.92 -6.58
C VAL B 191 7.76 1.05 -7.76
N CYS B 192 7.25 1.49 -8.91
CA CYS B 192 8.09 1.68 -10.09
C CYS B 192 9.16 2.74 -9.84
N HIS B 193 8.82 3.76 -9.03
CA HIS B 193 9.78 4.80 -8.71
C HIS B 193 10.96 4.18 -7.97
N ASN B 194 10.65 3.38 -6.96
CA ASN B 194 11.68 2.75 -6.17
C ASN B 194 12.59 1.80 -6.97
N PHE B 195 12.13 1.29 -8.10
CA PHE B 195 12.97 0.40 -8.92
C PHE B 195 13.40 1.04 -10.24
N ASN B 196 13.18 2.35 -10.39
CA ASN B 196 13.58 3.03 -11.63
C ASN B 196 12.91 2.47 -12.86
N VAL B 197 11.66 2.04 -12.73
CA VAL B 197 10.93 1.49 -13.86
C VAL B 197 9.91 2.50 -14.40
N PRO B 198 9.98 2.81 -15.70
CA PRO B 198 9.07 3.75 -16.37
C PRO B 198 7.63 3.22 -16.32
N PHE B 199 6.66 4.09 -16.13
CA PHE B 199 5.27 3.66 -16.10
C PHE B 199 4.36 4.70 -16.73
N VAL B 200 3.13 4.28 -17.01
CA VAL B 200 2.10 5.16 -17.53
C VAL B 200 0.76 4.55 -17.19
N VAL B 201 -0.23 5.41 -16.99
CA VAL B 201 -1.57 4.92 -16.68
C VAL B 201 -2.46 5.19 -17.89
N VAL B 202 -3.13 4.15 -18.37
CA VAL B 202 -4.04 4.30 -19.50
C VAL B 202 -5.26 3.53 -19.05
N ARG B 203 -6.26 4.27 -18.57
CA ARG B 203 -7.51 3.70 -18.07
C ARG B 203 -8.70 4.30 -18.82
N ALA B 204 -9.83 3.61 -18.78
CA ALA B 204 -11.03 4.13 -19.44
C ALA B 204 -12.08 4.49 -18.40
N ILE B 205 -12.89 5.51 -18.69
CA ILE B 205 -13.89 5.96 -17.73
C ILE B 205 -15.12 5.07 -17.61
N SER B 206 -15.51 4.74 -16.37
CA SER B 206 -16.71 3.93 -16.14
C SER B 206 -17.76 4.73 -15.38
N ASN B 207 -17.36 5.90 -14.87
CA ASN B 207 -18.26 6.75 -14.09
C ASN B 207 -17.55 8.10 -13.88
N VAL B 208 -18.29 9.12 -13.43
CA VAL B 208 -17.66 10.41 -13.18
C VAL B 208 -17.57 10.74 -11.69
N ALA B 209 -17.44 9.70 -10.88
CA ALA B 209 -17.23 9.87 -9.44
C ALA B 209 -18.23 10.74 -8.68
N ASP B 210 -19.45 10.86 -9.21
CA ASP B 210 -20.47 11.65 -8.55
C ASP B 210 -21.38 10.72 -7.74
N GLN B 211 -22.55 11.21 -7.29
CA GLN B 211 -23.40 10.36 -6.48
C GLN B 211 -23.98 9.15 -7.20
N GLN B 212 -23.91 9.18 -8.53
CA GLN B 212 -24.41 8.06 -9.31
C GLN B 212 -23.28 7.15 -9.79
N SER B 213 -22.09 7.32 -9.23
CA SER B 213 -20.93 6.54 -9.67
C SER B 213 -21.02 5.01 -9.52
N HIS B 214 -21.71 4.50 -8.49
CA HIS B 214 -21.84 3.05 -8.33
C HIS B 214 -22.72 2.48 -9.45
N LEU B 215 -23.81 3.18 -9.77
CA LEU B 215 -24.71 2.76 -10.83
C LEU B 215 -24.00 2.83 -12.20
N SER B 216 -23.27 3.91 -12.43
CA SER B 216 -22.56 4.04 -13.71
C SER B 216 -21.51 2.92 -13.82
N PHE B 217 -20.72 2.75 -12.77
CA PHE B 217 -19.67 1.72 -12.71
C PHE B 217 -20.22 0.36 -13.17
N ASP B 218 -21.29 -0.10 -12.50
CA ASP B 218 -21.90 -1.38 -12.83
C ASP B 218 -22.39 -1.46 -14.28
N GLU B 219 -22.91 -0.35 -14.79
CA GLU B 219 -23.42 -0.30 -16.15
C GLU B 219 -22.30 -0.28 -17.19
N PHE B 220 -21.23 0.44 -16.88
CA PHE B 220 -20.16 0.61 -17.84
C PHE B 220 -18.81 -0.02 -17.65
N LEU B 221 -18.64 -0.83 -16.62
CA LEU B 221 -17.34 -1.47 -16.43
C LEU B 221 -16.97 -2.32 -17.64
N ALA B 222 -17.94 -2.97 -18.29
CA ALA B 222 -17.63 -3.83 -19.44
C ALA B 222 -17.06 -2.98 -20.57
N VAL B 223 -17.71 -1.86 -20.84
CA VAL B 223 -17.27 -0.95 -21.90
C VAL B 223 -15.91 -0.38 -21.57
N ALA B 224 -15.70 0.00 -20.31
CA ALA B 224 -14.42 0.58 -19.92
C ALA B 224 -13.32 -0.46 -20.06
N ALA B 225 -13.62 -1.70 -19.66
CA ALA B 225 -12.62 -2.76 -19.77
C ALA B 225 -12.25 -2.98 -21.23
N LYS B 226 -13.24 -2.95 -22.12
CA LYS B 226 -13.01 -3.16 -23.55
C LYS B 226 -12.15 -2.08 -24.16
N GLN B 227 -12.53 -0.83 -23.91
CA GLN B 227 -11.78 0.31 -24.43
C GLN B 227 -10.36 0.35 -23.90
N SER B 228 -10.21 0.14 -22.59
CA SER B 228 -8.89 0.16 -22.01
C SER B 228 -8.05 -0.97 -22.58
N SER B 229 -8.64 -2.16 -22.73
CA SER B 229 -7.92 -3.31 -23.28
C SER B 229 -7.44 -3.03 -24.70
N LEU B 230 -8.27 -2.40 -25.52
CA LEU B 230 -7.89 -2.09 -26.90
C LEU B 230 -6.72 -1.09 -26.92
N MET B 231 -6.80 -0.08 -26.05
CA MET B 231 -5.73 0.92 -25.97
C MET B 231 -4.43 0.25 -25.57
N VAL B 232 -4.49 -0.66 -24.61
CA VAL B 232 -3.28 -1.36 -24.17
C VAL B 232 -2.72 -2.21 -25.31
N GLU B 233 -3.60 -2.90 -26.04
CA GLU B 233 -3.16 -3.73 -27.14
C GLU B 233 -2.47 -2.88 -28.19
N SER B 234 -3.04 -1.73 -28.53
CA SER B 234 -2.43 -0.85 -29.53
C SER B 234 -1.13 -0.26 -29.01
N LEU B 235 -1.11 0.13 -27.75
CA LEU B 235 0.06 0.74 -27.13
C LEU B 235 1.23 -0.23 -27.09
N VAL B 236 0.95 -1.47 -26.72
CA VAL B 236 1.97 -2.51 -26.64
C VAL B 236 2.61 -2.72 -28.02
N GLN B 237 1.75 -2.79 -29.04
CA GLN B 237 2.21 -3.00 -30.39
C GLN B 237 3.02 -1.80 -30.85
N LYS B 238 2.56 -0.59 -30.55
CA LYS B 238 3.30 0.59 -30.98
C LYS B 238 4.68 0.66 -30.31
N LEU B 239 4.74 0.35 -29.02
CA LEU B 239 5.99 0.41 -28.29
C LEU B 239 7.02 -0.60 -28.81
N ALA B 240 6.55 -1.80 -29.16
CA ALA B 240 7.48 -2.81 -29.64
C ALA B 240 7.76 -2.79 -31.13
N HIS B 241 6.89 -2.18 -31.93
CA HIS B 241 7.10 -2.21 -33.39
C HIS B 241 6.90 -0.91 -34.16
N GLY B 242 6.76 0.20 -33.46
CA GLY B 242 6.58 1.46 -34.16
C GLY B 242 5.12 1.71 -34.48
CS MTA C . 5.74 11.04 10.63
S5' MTA C . 4.28 10.14 10.02
C5' MTA C . 3.86 9.17 11.50
C4' MTA C . 4.65 7.85 11.61
O4' MTA C . 4.53 7.38 12.98
C2' MTA C . 2.98 6.14 11.66
O2' MTA C . 2.87 4.68 11.49
C3' MTA C . 4.14 6.70 10.73
O3' MTA C . 5.20 5.69 10.55
C1' MTA C . 3.34 6.51 13.15
N9 MTA C . 2.27 7.39 13.94
C8 MTA C . 2.43 7.76 15.26
N7 MTA C . 1.44 8.52 15.72
C5 MTA C . 0.60 8.66 14.66
C6 MTA C . -0.65 9.36 14.50
N6 MTA C . -1.20 10.07 15.51
N1 MTA C . -1.26 9.29 13.24
C2 MTA C . -0.69 8.58 12.23
N3 MTA C . 0.49 7.90 12.30
C4 MTA C . 1.07 7.97 13.54
CS MTA D . -14.90 -1.66 -6.91
S5' MTA D . -13.58 -0.54 -6.28
C5' MTA D . -13.24 0.44 -7.80
C4' MTA D . -12.14 -0.15 -8.70
O4' MTA D . -12.20 0.54 -10.00
C2' MTA D . -10.41 1.52 -8.78
O2' MTA D . -9.01 1.64 -9.16
C3' MTA D . -10.71 0.06 -8.21
O3' MTA D . -9.82 -0.96 -8.81
C1' MTA D . -11.36 1.76 -10.01
N9 MTA D . -12.38 3.00 -9.92
C8 MTA D . -13.25 3.35 -10.94
N7 MTA D . -14.04 4.40 -10.66
C5 MTA D . -13.65 4.78 -9.41
C6 MTA D . -14.09 5.81 -8.53
N6 MTA D . -15.06 6.66 -8.87
N1 MTA D . -13.46 5.90 -7.28
C2 MTA D . -12.48 5.03 -6.94
N3 MTA D . -12.00 4.00 -7.69
C4 MTA D . -12.63 3.94 -8.92
#